data_1ELE
#
_entry.id   1ELE
#
_cell.length_a   52.400
_cell.length_b   57.600
_cell.length_c   75.300
_cell.angle_alpha   90.00
_cell.angle_beta   90.00
_cell.angle_gamma   90.00
#
_symmetry.space_group_name_H-M   'P 21 21 21'
#
loop_
_entity.id
_entity.type
_entity.pdbx_description
1 polymer ELASTASE
2 non-polymer N-(trifluoroacetyl)-L-valyl-N-[4-(trifluoromethyl)phenyl]-L-alaninamide
3 non-polymer 'CALCIUM ION'
4 non-polymer 'SULFATE ION'
5 water water
#
_entity_poly.entity_id   1
_entity_poly.type   'polypeptide(L)'
_entity_poly.pdbx_seq_one_letter_code
;VVGGTEAQRNSWPSQISLQYRSGSSWAHTCGGTLIRQNWVMTAAHCVDRELTFRVVVGEHNLNQNNGTEQYVGVQKIVVH
PYWNTDDVAAGYDIALLRLAQSVTLNSYVQLGVLPRAGTILANNSPCYITGWGLTRTNGQLAQTLQQAYLPTVDYAICSS
SSYWGSTVKNSMVCAGGDGVRSGCQGDSGGPLHCLVNGQYAVHGVTSFVSRLGCNVTRKPTVFTRVSAYISWINNVIASN
;
_entity_poly.pdbx_strand_id   E
#
loop_
_chem_comp.id
_chem_comp.type
_chem_comp.name
_chem_comp.formula
0QN peptide-like N-(trifluoroacetyl)-L-valyl-N-[4-(trifluoromethyl)phenyl]-L-alaninamide 'C17 H19 F6 N3 O3'
CA non-polymer 'CALCIUM ION' 'Ca 2'
SO4 non-polymer 'SULFATE ION' 'O4 S -2'
#
# COMPACT_ATOMS: atom_id res chain seq x y z
N VAL A 1 -10.21 1.51 4.19
CA VAL A 1 -10.39 0.17 4.72
C VAL A 1 -11.84 0.06 5.11
N VAL A 2 -12.55 -0.90 4.56
CA VAL A 2 -13.89 -1.23 4.95
C VAL A 2 -13.82 -2.21 6.14
N GLY A 3 -14.73 -2.14 7.13
CA GLY A 3 -14.72 -3.03 8.31
C GLY A 3 -13.45 -2.89 9.15
N GLY A 4 -12.73 -1.76 9.15
CA GLY A 4 -11.54 -1.61 9.93
C GLY A 4 -11.84 -0.92 11.24
N THR A 5 -10.80 -0.73 12.04
CA THR A 5 -10.89 0.04 13.26
C THR A 5 -9.74 1.07 13.24
N GLU A 6 -9.77 2.14 14.02
CA GLU A 6 -8.71 3.12 14.04
C GLU A 6 -7.46 2.53 14.68
N ALA A 7 -6.33 3.01 14.18
CA ALA A 7 -5.01 2.62 14.61
C ALA A 7 -4.46 3.56 15.69
N GLN A 8 -3.59 3.03 16.56
CA GLN A 8 -2.82 3.83 17.50
C GLN A 8 -1.94 4.75 16.69
N ARG A 9 -1.53 5.85 17.32
CA ARG A 9 -0.75 6.89 16.67
C ARG A 9 0.59 6.49 16.09
N ASN A 10 1.34 5.71 16.83
CA ASN A 10 2.68 5.32 16.40
C ASN A 10 2.75 3.86 15.96
N SER A 11 1.56 3.34 15.65
CA SER A 11 1.39 1.92 15.43
C SER A 11 2.08 1.41 14.19
N TRP A 12 1.99 2.17 13.09
CA TRP A 12 2.53 1.69 11.83
C TRP A 12 3.33 2.80 11.20
N PRO A 13 4.51 3.09 11.70
CA PRO A 13 5.19 4.36 11.42
C PRO A 13 5.89 4.40 10.09
N SER A 14 5.79 3.37 9.27
CA SER A 14 6.34 3.45 7.92
C SER A 14 5.20 3.69 6.91
N GLN A 15 3.96 3.88 7.37
CA GLN A 15 2.84 4.29 6.53
C GLN A 15 3.03 5.74 6.11
N ILE A 16 2.83 6.06 4.82
CA ILE A 16 2.85 7.46 4.39
C ILE A 16 1.56 7.83 3.65
N SER A 17 1.36 9.14 3.46
CA SER A 17 0.24 9.62 2.70
C SER A 17 0.83 10.28 1.47
N LEU A 18 0.33 9.72 0.36
CA LEU A 18 0.69 10.25 -0.94
C LEU A 18 -0.46 11.15 -1.39
N GLN A 19 -0.10 12.43 -1.46
CA GLN A 19 -1.03 13.52 -1.80
C GLN A 19 -0.70 14.30 -3.06
N TYR A 20 -1.72 14.75 -3.76
CA TYR A 20 -1.46 15.60 -4.91
C TYR A 20 -2.07 16.97 -4.74
N ARG A 21 -1.69 17.88 -5.60
CA ARG A 21 -2.20 19.22 -5.44
C ARG A 21 -3.52 19.51 -6.13
N SER A 22 -4.36 20.13 -5.30
CA SER A 22 -5.65 20.68 -5.67
C SER A 22 -5.67 22.17 -5.31
N GLY A 23 -5.54 23.09 -6.29
CA GLY A 23 -5.53 24.51 -5.99
C GLY A 23 -4.28 24.85 -5.20
N SER A 24 -4.50 25.41 -3.98
CA SER A 24 -3.40 25.67 -3.03
C SER A 24 -3.28 24.53 -2.03
N SER A 25 -4.40 23.78 -1.93
CA SER A 25 -4.55 22.66 -1.03
C SER A 25 -4.05 21.35 -1.62
N TRP A 26 -4.03 20.33 -0.76
CA TRP A 26 -3.52 19.01 -1.09
C TRP A 26 -4.47 17.91 -0.74
N ALA A 27 -4.75 17.00 -1.65
CA ALA A 27 -5.63 15.89 -1.35
C ALA A 27 -4.93 14.54 -1.34
N HIS A 28 -5.25 13.71 -0.36
CA HIS A 28 -4.71 12.37 -0.28
C HIS A 28 -5.26 11.54 -1.45
N THR A 29 -4.28 10.95 -2.17
CA THR A 29 -4.68 10.01 -3.21
C THR A 29 -4.38 8.54 -2.95
N CYS A 30 -3.31 8.25 -2.18
CA CYS A 30 -2.84 6.90 -1.99
C CYS A 30 -2.00 6.77 -0.73
N GLY A 31 -1.70 5.50 -0.38
CA GLY A 31 -0.75 5.19 0.67
C GLY A 31 0.61 4.83 0.07
N GLY A 32 1.56 4.41 0.90
CA GLY A 32 2.90 4.07 0.46
C GLY A 32 3.64 3.62 1.72
N THR A 33 4.81 3.01 1.60
CA THR A 33 5.65 2.60 2.73
C THR A 33 6.99 3.32 2.56
N LEU A 34 7.45 4.10 3.56
CA LEU A 34 8.79 4.61 3.62
C LEU A 34 9.84 3.46 3.66
N ILE A 35 10.68 3.28 2.64
CA ILE A 35 11.68 2.20 2.62
C ILE A 35 13.08 2.67 2.90
N ARG A 36 13.40 3.91 2.56
CA ARG A 36 14.73 4.51 2.79
C ARG A 36 14.42 5.90 3.35
N GLN A 37 15.25 6.74 3.98
CA GLN A 37 14.78 8.03 4.46
C GLN A 37 14.43 8.96 3.33
N ASN A 38 14.79 8.61 2.10
CA ASN A 38 14.47 9.41 0.94
C ASN A 38 13.79 8.58 -0.14
N TRP A 39 13.20 7.42 0.23
CA TRP A 39 12.50 6.59 -0.77
C TRP A 39 11.23 5.96 -0.22
N VAL A 40 10.20 5.99 -1.06
CA VAL A 40 8.89 5.45 -0.72
C VAL A 40 8.50 4.41 -1.76
N MET A 41 7.99 3.28 -1.34
CA MET A 41 7.40 2.33 -2.23
C MET A 41 5.90 2.59 -2.33
N THR A 42 5.30 2.65 -3.51
CA THR A 42 3.86 2.86 -3.61
C THR A 42 3.42 2.13 -4.84
N ALA A 43 2.13 2.16 -5.25
CA ALA A 43 1.74 1.46 -6.48
C ALA A 43 1.98 2.40 -7.67
N ALA A 44 2.31 1.78 -8.81
CA ALA A 44 2.54 2.55 -10.01
C ALA A 44 1.26 3.21 -10.47
N HIS A 45 0.08 2.59 -10.30
CA HIS A 45 -1.13 3.23 -10.79
C HIS A 45 -1.44 4.53 -10.05
N CYS A 46 -0.81 4.80 -8.90
CA CYS A 46 -0.97 6.00 -8.11
C CYS A 46 -0.29 7.21 -8.69
N VAL A 47 0.73 7.00 -9.54
CA VAL A 47 1.44 8.12 -10.14
C VAL A 47 1.33 7.99 -11.66
N ASP A 48 0.19 7.50 -12.14
CA ASP A 48 -0.05 7.47 -13.56
C ASP A 48 -0.46 8.86 -14.07
N ARG A 49 -1.20 9.72 -13.36
CA ARG A 49 -1.45 11.05 -13.90
C ARG A 49 -0.29 11.95 -13.47
N GLU A 50 -0.02 12.93 -14.34
CA GLU A 50 1.09 13.82 -14.11
C GLU A 50 0.80 15.02 -13.20
N LEU A 51 0.68 14.63 -11.92
CA LEU A 51 0.28 15.51 -10.85
C LEU A 51 1.49 15.92 -10.07
N THR A 52 1.27 17.00 -9.29
CA THR A 52 2.27 17.40 -8.32
C THR A 52 1.99 16.59 -7.04
N PHE A 53 2.96 15.76 -6.61
CA PHE A 53 2.80 14.93 -5.45
C PHE A 53 3.72 15.44 -4.38
N ARG A 54 3.26 15.01 -3.22
CA ARG A 54 4.03 15.19 -1.99
C ARG A 54 3.78 13.96 -1.11
N VAL A 55 4.70 13.83 -0.15
CA VAL A 55 4.62 12.74 0.79
C VAL A 55 4.50 13.33 2.18
N VAL A 56 3.64 12.72 2.98
CA VAL A 56 3.49 13.11 4.37
C VAL A 56 3.78 11.89 5.22
N VAL A 57 4.80 11.99 6.11
CA VAL A 57 5.20 10.92 7.02
C VAL A 57 4.84 11.30 8.48
N GLY A 58 4.49 10.38 9.37
CA GLY A 58 4.11 10.73 10.74
C GLY A 58 2.66 11.19 10.82
N GLU A 59 1.92 10.86 9.78
CA GLU A 59 0.53 11.27 9.67
C GLU A 59 -0.38 10.27 10.36
N HIS A 60 -1.42 10.80 11.01
CA HIS A 60 -2.45 9.99 11.60
C HIS A 60 -3.82 10.54 11.25
N ASN A 61 -4.14 11.82 11.53
CA ASN A 61 -5.45 12.38 11.24
C ASN A 61 -5.19 13.28 10.07
N LEU A 62 -5.73 12.99 8.89
CA LEU A 62 -5.55 13.82 7.69
C LEU A 62 -5.99 15.29 7.74
N ASN A 63 -7.10 15.54 8.47
CA ASN A 63 -7.73 16.83 8.61
C ASN A 63 -7.30 17.63 9.85
N GLN A 64 -6.22 17.29 10.58
CA GLN A 64 -5.83 17.99 11.81
C GLN A 64 -4.37 17.81 12.14
N ASN A 65 -3.59 18.86 12.45
CA ASN A 65 -2.19 18.70 12.81
C ASN A 65 -2.09 17.84 14.06
N ASN A 66 -1.19 16.86 13.92
CA ASN A 66 -0.93 15.89 14.95
C ASN A 66 0.24 16.28 15.86
N GLY A 67 1.09 17.21 15.36
CA GLY A 67 2.33 17.66 16.01
C GLY A 67 3.55 16.86 15.50
N THR A 68 3.26 15.76 14.77
CA THR A 68 4.17 14.74 14.23
C THR A 68 4.42 14.73 12.71
N GLU A 69 3.78 15.55 11.87
CA GLU A 69 3.94 15.36 10.43
C GLU A 69 5.18 15.95 9.77
N GLN A 70 5.83 15.23 8.83
CA GLN A 70 6.82 15.87 7.99
C GLN A 70 6.27 15.70 6.59
N TYR A 71 6.50 16.78 5.85
CA TYR A 71 5.92 16.98 4.52
C TYR A 71 7.09 17.14 3.53
N VAL A 72 7.30 16.29 2.52
CA VAL A 72 8.47 16.48 1.64
C VAL A 72 8.03 16.30 0.21
N GLY A 73 8.66 17.04 -0.72
CA GLY A 73 8.30 16.89 -2.12
C GLY A 73 8.84 15.58 -2.72
N VAL A 74 8.21 15.14 -3.80
CA VAL A 74 8.65 13.96 -4.53
C VAL A 74 9.59 14.46 -5.63
N GLN A 75 10.86 14.08 -5.52
CA GLN A 75 11.82 14.45 -6.51
C GLN A 75 11.86 13.56 -7.75
N LYS A 76 11.60 12.25 -7.71
CA LYS A 76 11.74 11.46 -8.92
C LYS A 76 10.85 10.27 -8.82
N ILE A 77 10.07 9.88 -9.83
CA ILE A 77 9.24 8.67 -9.72
C ILE A 77 9.87 7.62 -10.64
N VAL A 78 10.14 6.38 -10.20
CA VAL A 78 10.73 5.36 -11.04
C VAL A 78 9.65 4.35 -10.98
N VAL A 79 8.84 4.19 -12.02
CA VAL A 79 7.86 3.14 -11.95
C VAL A 79 8.47 1.98 -12.74
N HIS A 80 7.93 0.79 -12.46
CA HIS A 80 8.35 -0.46 -13.03
C HIS A 80 8.25 -0.43 -14.54
N PRO A 81 9.34 -0.69 -15.32
CA PRO A 81 9.34 -0.66 -16.78
C PRO A 81 8.30 -1.54 -17.45
N TYR A 82 7.80 -2.58 -16.81
CA TYR A 82 6.76 -3.41 -17.38
C TYR A 82 5.32 -3.08 -17.01
N TRP A 83 5.14 -2.00 -16.23
CA TRP A 83 3.81 -1.62 -15.78
C TRP A 83 3.02 -1.12 -16.94
N ASN A 84 1.77 -1.55 -17.01
CA ASN A 84 0.90 -1.00 -18.03
C ASN A 84 -0.43 -0.52 -17.45
N THR A 85 -0.65 0.79 -17.43
CA THR A 85 -1.87 1.46 -16.98
C THR A 85 -3.20 0.81 -17.36
N ASP A 86 -3.28 0.38 -18.64
CA ASP A 86 -4.46 -0.29 -19.21
C ASP A 86 -4.72 -1.72 -18.73
N ASP A 87 -3.82 -2.25 -17.87
CA ASP A 87 -3.89 -3.63 -17.41
C ASP A 87 -3.23 -3.85 -16.05
N VAL A 88 -3.85 -3.44 -14.94
CA VAL A 88 -3.38 -3.82 -13.60
C VAL A 88 -3.24 -5.33 -13.44
N ALA A 89 -4.12 -6.11 -14.06
CA ALA A 89 -4.08 -7.56 -13.88
C ALA A 89 -2.88 -8.23 -14.48
N ALA A 90 -2.08 -7.48 -15.27
CA ALA A 90 -0.79 -8.00 -15.72
C ALA A 90 0.24 -8.00 -14.57
N GLY A 91 0.01 -7.18 -13.55
CA GLY A 91 0.89 -7.08 -12.40
C GLY A 91 1.84 -5.90 -12.56
N TYR A 92 3.04 -5.93 -11.93
CA TYR A 92 4.05 -4.86 -11.96
C TYR A 92 3.61 -3.58 -11.36
N ASP A 93 2.53 -3.60 -10.58
CA ASP A 93 2.00 -2.36 -10.02
C ASP A 93 2.81 -1.91 -8.83
N ILE A 94 3.94 -1.25 -9.16
CA ILE A 94 4.89 -0.80 -8.15
C ILE A 94 5.69 0.38 -8.66
N ALA A 95 5.95 1.34 -7.77
CA ALA A 95 6.72 2.51 -8.08
C ALA A 95 7.57 2.96 -6.93
N LEU A 96 8.72 3.57 -7.18
CA LEU A 96 9.56 4.08 -6.13
C LEU A 96 9.71 5.58 -6.27
N LEU A 97 9.61 6.33 -5.15
CA LEU A 97 9.62 7.77 -5.26
C LEU A 97 10.78 8.24 -4.45
N ARG A 98 11.64 8.99 -5.14
CA ARG A 98 12.78 9.64 -4.51
C ARG A 98 12.25 10.91 -3.86
N LEU A 99 12.40 11.14 -2.56
CA LEU A 99 11.93 12.33 -1.92
C LEU A 99 12.90 13.44 -2.14
N ALA A 100 12.46 14.69 -2.02
CA ALA A 100 13.32 15.85 -2.23
C ALA A 100 14.33 15.99 -1.09
N GLN A 101 13.97 15.49 0.11
CA GLN A 101 14.91 15.45 1.23
C GLN A 101 14.67 14.21 2.07
N SER A 102 15.65 13.92 2.93
CA SER A 102 15.67 12.78 3.83
C SER A 102 14.78 13.16 4.98
N VAL A 103 13.81 12.28 5.25
CA VAL A 103 12.94 12.50 6.36
C VAL A 103 13.71 12.08 7.58
N THR A 104 13.30 12.65 8.70
CA THR A 104 13.92 12.39 9.96
C THR A 104 13.20 11.25 10.64
N LEU A 105 13.91 10.22 11.08
CA LEU A 105 13.24 9.18 11.84
C LEU A 105 13.09 9.54 13.32
N ASN A 106 11.98 9.18 13.91
CA ASN A 106 11.72 9.30 15.35
C ASN A 106 10.67 8.24 15.68
N SER A 107 9.92 8.20 16.80
CA SER A 107 8.96 7.11 17.02
C SER A 107 7.71 7.08 16.17
N TYR A 108 7.59 8.09 15.31
CA TYR A 108 6.51 8.28 14.37
C TYR A 108 6.90 7.93 12.94
N VAL A 109 8.18 8.05 12.61
CA VAL A 109 8.68 7.85 11.27
C VAL A 109 9.79 6.85 11.26
N GLN A 110 9.39 5.67 10.83
CA GLN A 110 10.31 4.55 10.77
C GLN A 110 10.36 3.85 9.41
N LEU A 111 11.44 3.12 9.10
CA LEU A 111 11.51 2.43 7.82
C LEU A 111 10.78 1.11 7.92
N GLY A 112 10.12 0.81 6.81
CA GLY A 112 9.41 -0.43 6.61
C GLY A 112 10.40 -1.56 6.36
N VAL A 113 10.15 -2.70 7.00
CA VAL A 113 11.02 -3.87 6.92
C VAL A 113 10.51 -4.65 5.68
N LEU A 114 11.29 -4.84 4.59
CA LEU A 114 10.88 -5.61 3.42
C LEU A 114 11.15 -7.12 3.57
N PRO A 115 10.38 -8.08 3.01
CA PRO A 115 10.69 -9.49 3.04
C PRO A 115 11.93 -9.86 2.24
N ARG A 116 12.43 -11.08 2.44
CA ARG A 116 13.48 -11.63 1.61
C ARG A 116 12.90 -12.01 0.22
N ALA A 117 13.67 -11.91 -0.88
CA ALA A 117 13.17 -12.30 -2.20
C ALA A 117 12.53 -13.68 -2.25
N GLY A 118 11.48 -13.97 -3.02
CA GLY A 118 10.98 -15.34 -3.14
C GLY A 118 10.07 -15.81 -2.06
N THR A 119 10.03 -15.10 -0.95
CA THR A 119 9.27 -15.51 0.21
C THR A 119 7.78 -15.49 -0.08
N ILE A 120 7.11 -16.64 0.09
CA ILE A 120 5.68 -16.79 -0.12
C ILE A 120 5.10 -17.16 1.25
N LEU A 121 4.04 -16.49 1.72
CA LEU A 121 3.42 -16.83 2.99
C LEU A 121 2.41 -17.93 2.78
N ALA A 122 2.22 -18.63 3.88
CA ALA A 122 1.26 -19.69 3.89
C ALA A 122 -0.15 -19.14 3.89
N ASN A 123 -1.14 -19.93 3.44
CA ASN A 123 -2.54 -19.57 3.50
C ASN A 123 -2.88 -19.15 4.91
N ASN A 124 -3.90 -18.34 5.05
CA ASN A 124 -4.31 -17.83 6.34
C ASN A 124 -3.26 -17.22 7.25
N SER A 125 -2.19 -16.67 6.67
CA SER A 125 -1.17 -15.98 7.43
C SER A 125 -1.70 -14.64 7.93
N PRO A 126 -1.35 -14.23 9.17
CA PRO A 126 -1.82 -12.99 9.79
C PRO A 126 -1.14 -11.73 9.30
N CYS A 127 -1.97 -10.92 8.63
CA CYS A 127 -1.53 -9.69 8.02
C CYS A 127 -2.49 -8.56 8.35
N TYR A 128 -2.05 -7.31 8.29
CA TYR A 128 -2.91 -6.17 8.60
C TYR A 128 -2.86 -5.26 7.40
N ILE A 129 -4.00 -4.71 6.93
CA ILE A 129 -3.94 -3.67 5.90
C ILE A 129 -4.08 -2.30 6.58
N THR A 130 -3.31 -1.26 6.18
CA THR A 130 -3.51 0.05 6.76
C THR A 130 -3.71 1.16 5.70
N GLY A 131 -4.55 2.17 6.04
CA GLY A 131 -4.87 3.22 5.10
C GLY A 131 -6.06 4.11 5.44
N TRP A 132 -6.01 5.24 4.74
CA TRP A 132 -7.00 6.30 4.84
C TRP A 132 -8.07 6.28 3.75
N GLY A 133 -8.16 5.26 2.92
CA GLY A 133 -9.15 5.13 1.86
C GLY A 133 -10.57 4.94 2.36
N LEU A 134 -11.53 4.81 1.44
CA LEU A 134 -12.93 4.62 1.73
C LEU A 134 -13.23 3.54 2.76
N THR A 135 -14.13 3.94 3.68
CA THR A 135 -14.62 3.10 4.74
C THR A 135 -15.79 2.30 4.29
N ARG A 136 -16.43 2.60 3.17
CA ARG A 136 -17.55 1.84 2.62
C ARG A 136 -17.32 1.87 1.11
N THR A 137 -17.85 0.88 0.36
CA THR A 137 -17.91 0.97 -1.09
C THR A 137 -18.68 2.27 -1.42
N ASN A 138 -18.04 3.12 -2.27
CA ASN A 138 -18.54 4.42 -2.76
C ASN A 138 -18.80 5.45 -1.67
N GLY A 139 -18.11 5.21 -0.52
CA GLY A 139 -18.22 6.00 0.71
C GLY A 139 -17.21 7.11 0.72
N GLN A 140 -16.61 7.39 1.86
CA GLN A 140 -15.61 8.45 1.93
C GLN A 140 -14.30 8.09 2.63
N LEU A 141 -13.25 8.88 2.41
CA LEU A 141 -11.96 8.73 3.08
C LEU A 141 -12.02 8.78 4.56
N ALA A 142 -11.28 7.90 5.22
CA ALA A 142 -11.15 7.95 6.67
C ALA A 142 -10.35 9.18 6.94
N GLN A 143 -10.65 9.85 8.06
CA GLN A 143 -9.75 10.94 8.41
C GLN A 143 -8.68 10.49 9.35
N THR A 144 -8.89 9.42 10.13
CA THR A 144 -7.79 8.84 10.91
C THR A 144 -7.38 7.48 10.31
N LEU A 145 -6.11 7.09 10.52
CA LEU A 145 -5.64 5.83 9.99
C LEU A 145 -6.40 4.63 10.55
N GLN A 146 -6.86 3.86 9.58
CA GLN A 146 -7.61 2.64 9.83
C GLN A 146 -6.78 1.39 9.62
N GLN A 147 -7.23 0.29 10.23
CA GLN A 147 -6.55 -0.98 10.08
C GLN A 147 -7.51 -2.15 10.14
N ALA A 148 -7.35 -3.19 9.32
CA ALA A 148 -8.16 -4.41 9.46
C ALA A 148 -7.24 -5.62 9.34
N TYR A 149 -7.58 -6.68 10.09
CA TYR A 149 -6.85 -7.91 10.06
C TYR A 149 -7.37 -8.54 8.81
N LEU A 150 -6.41 -8.72 7.90
CA LEU A 150 -6.68 -9.22 6.56
C LEU A 150 -5.74 -10.40 6.32
N PRO A 151 -6.12 -11.65 6.68
CA PRO A 151 -5.34 -12.88 6.45
C PRO A 151 -5.18 -13.23 5.00
N THR A 152 -4.01 -13.74 4.59
CA THR A 152 -3.81 -14.06 3.20
C THR A 152 -4.65 -15.26 2.78
N VAL A 153 -4.91 -15.24 1.48
CA VAL A 153 -5.60 -16.29 0.76
C VAL A 153 -4.45 -16.66 -0.17
N ASP A 154 -3.81 -17.86 -0.10
CA ASP A 154 -2.68 -18.11 -0.98
C ASP A 154 -3.07 -18.22 -2.44
N TYR A 155 -2.06 -18.28 -3.29
CA TYR A 155 -2.24 -18.27 -4.74
C TYR A 155 -3.16 -19.32 -5.35
N ALA A 156 -3.15 -20.53 -4.86
CA ALA A 156 -3.96 -21.61 -5.41
C ALA A 156 -5.45 -21.43 -5.21
N ILE A 157 -5.82 -20.89 -4.06
CA ILE A 157 -7.21 -20.61 -3.78
C ILE A 157 -7.57 -19.28 -4.47
N CYS A 158 -6.71 -18.26 -4.46
CA CYS A 158 -7.06 -16.95 -5.03
C CYS A 158 -7.29 -17.05 -6.53
N SER A 159 -6.53 -17.88 -7.24
CA SER A 159 -6.76 -18.00 -8.66
C SER A 159 -7.67 -19.12 -9.05
N SER A 160 -8.44 -19.69 -8.11
CA SER A 160 -9.42 -20.70 -8.48
C SER A 160 -10.66 -19.99 -9.02
N SER A 161 -11.49 -20.68 -9.81
CA SER A 161 -12.72 -20.13 -10.41
C SER A 161 -13.54 -19.08 -9.66
N SER A 162 -13.81 -19.49 -8.42
CA SER A 162 -14.73 -18.87 -7.49
C SER A 162 -14.32 -17.54 -6.87
N TYR A 163 -13.00 -17.34 -6.87
CA TYR A 163 -12.32 -16.16 -6.38
C TYR A 163 -11.91 -15.27 -7.54
N TRP A 164 -10.63 -15.01 -7.77
CA TRP A 164 -10.23 -14.11 -8.81
C TRP A 164 -9.93 -14.77 -10.12
N GLY A 165 -9.86 -16.10 -10.17
CA GLY A 165 -9.58 -16.80 -11.43
C GLY A 165 -8.21 -16.40 -12.03
N SER A 166 -8.14 -16.24 -13.36
CA SER A 166 -6.92 -15.84 -14.03
C SER A 166 -6.42 -14.41 -13.80
N THR A 167 -7.26 -13.58 -13.17
CA THR A 167 -6.92 -12.19 -13.01
C THR A 167 -5.77 -12.03 -12.04
N VAL A 168 -5.60 -12.93 -11.07
CA VAL A 168 -4.49 -12.82 -10.15
C VAL A 168 -3.30 -13.67 -10.63
N LYS A 169 -2.09 -13.10 -10.56
CA LYS A 169 -0.86 -13.74 -10.97
C LYS A 169 -0.11 -14.11 -9.72
N ASN A 170 0.95 -14.90 -9.92
CA ASN A 170 1.76 -15.36 -8.81
C ASN A 170 2.64 -14.29 -8.21
N SER A 171 2.87 -13.18 -8.94
CA SER A 171 3.55 -12.00 -8.43
C SER A 171 2.65 -11.13 -7.52
N MET A 172 1.48 -11.66 -7.11
CA MET A 172 0.48 -11.01 -6.31
C MET A 172 0.16 -11.77 -5.05
N VAL A 173 -0.27 -11.05 -4.00
CA VAL A 173 -0.73 -11.63 -2.74
C VAL A 173 -2.20 -11.23 -2.58
N CYS A 174 -3.03 -12.20 -2.28
CA CYS A 174 -4.41 -11.98 -1.96
C CYS A 174 -4.59 -12.00 -0.46
N ALA A 175 -5.52 -11.19 0.08
CA ALA A 175 -5.81 -11.20 1.51
C ALA A 175 -7.22 -10.67 1.74
N GLY A 176 -7.96 -11.32 2.62
CA GLY A 176 -9.33 -10.95 2.89
C GLY A 176 -10.32 -11.83 2.17
N GLY A 177 -11.37 -11.20 1.64
CA GLY A 177 -12.40 -11.88 0.86
C GLY A 177 -13.55 -12.39 1.69
N ASP A 178 -13.67 -11.98 2.95
CA ASP A 178 -14.78 -12.47 3.76
C ASP A 178 -16.12 -11.78 3.55
N GLY A 179 -16.03 -10.61 2.92
CA GLY A 179 -17.20 -9.80 2.62
C GLY A 179 -17.40 -8.72 3.64
N VAL A 180 -16.55 -8.62 4.67
CA VAL A 180 -16.68 -7.64 5.74
C VAL A 180 -15.52 -6.68 5.72
N ARG A 181 -14.31 -7.18 5.55
CA ARG A 181 -13.15 -6.31 5.65
C ARG A 181 -12.42 -6.24 4.34
N SER A 182 -11.90 -5.05 4.00
CA SER A 182 -11.09 -4.96 2.81
C SER A 182 -10.39 -3.62 2.81
N GLY A 183 -9.47 -3.54 1.83
CA GLY A 183 -8.93 -2.27 1.43
C GLY A 183 -9.92 -1.64 0.46
N CYS A 184 -9.86 -0.39 0.07
CA CYS A 184 -10.86 0.19 -0.87
C CYS A 184 -10.13 1.39 -1.48
N GLN A 185 -10.71 2.10 -2.43
CA GLN A 185 -10.06 3.24 -3.05
C GLN A 185 -9.40 4.26 -2.10
N GLY A 186 -8.18 4.69 -2.38
CA GLY A 186 -7.45 5.60 -1.46
C GLY A 186 -6.49 4.82 -0.58
N ASP A 187 -6.67 3.50 -0.47
CA ASP A 187 -5.75 2.61 0.24
C ASP A 187 -4.64 2.08 -0.68
N SER A 188 -4.82 2.11 -2.02
CA SER A 188 -3.86 1.78 -3.06
C SER A 188 -2.45 2.24 -2.87
N GLY A 189 -1.46 1.39 -3.02
CA GLY A 189 -0.10 1.82 -2.84
C GLY A 189 0.29 1.61 -1.40
N GLY A 190 -0.70 1.38 -0.48
CA GLY A 190 -0.39 1.16 0.92
C GLY A 190 0.19 -0.21 1.25
N PRO A 191 0.69 -0.44 2.48
CA PRO A 191 1.13 -1.74 2.97
C PRO A 191 0.17 -2.84 3.38
N LEU A 192 0.64 -4.08 3.22
CA LEU A 192 0.02 -5.21 3.89
C LEU A 192 1.22 -5.69 4.73
N HIS A 193 1.06 -5.45 6.04
CA HIS A 193 2.04 -5.85 7.04
C HIS A 193 1.70 -7.22 7.55
N CYS A 194 2.68 -8.11 7.43
CA CYS A 194 2.55 -9.49 7.89
C CYS A 194 3.67 -9.87 8.82
N LEU A 195 3.28 -10.52 9.89
CA LEU A 195 4.15 -10.93 10.98
C LEU A 195 4.85 -12.21 10.55
N VAL A 196 6.18 -12.18 10.57
CA VAL A 196 7.10 -13.20 10.07
C VAL A 196 8.23 -13.20 11.08
N ASN A 197 8.39 -14.25 11.90
CA ASN A 197 9.46 -14.37 12.91
C ASN A 197 9.56 -13.18 13.85
N GLY A 198 8.41 -12.87 14.45
CA GLY A 198 8.26 -11.73 15.37
C GLY A 198 8.50 -10.35 14.76
N GLN A 199 8.40 -10.16 13.44
CA GLN A 199 8.67 -8.89 12.78
C GLN A 199 7.54 -8.64 11.83
N TYR A 200 6.89 -7.47 11.83
CA TYR A 200 5.83 -7.18 10.85
C TYR A 200 6.63 -6.69 9.66
N ALA A 201 6.54 -7.30 8.49
CA ALA A 201 7.23 -6.73 7.37
C ALA A 201 6.22 -6.49 6.24
N VAL A 202 6.60 -5.67 5.27
CA VAL A 202 5.65 -5.27 4.23
C VAL A 202 5.73 -6.21 3.04
N HIS A 203 4.72 -7.07 2.96
CA HIS A 203 4.62 -8.07 1.95
C HIS A 203 3.77 -7.72 0.76
N GLY A 204 2.98 -6.65 0.86
CA GLY A 204 2.06 -6.29 -0.20
C GLY A 204 2.03 -4.80 -0.42
N VAL A 205 1.68 -4.37 -1.63
CA VAL A 205 1.49 -2.95 -1.93
C VAL A 205 0.06 -3.04 -2.49
N THR A 206 -0.95 -2.40 -1.89
CA THR A 206 -2.35 -2.50 -2.31
C THR A 206 -2.49 -2.06 -3.77
N SER A 207 -3.18 -2.95 -4.50
CA SER A 207 -3.32 -2.77 -5.92
C SER A 207 -4.73 -2.75 -6.40
N PHE A 208 -5.61 -3.72 -6.12
CA PHE A 208 -6.95 -3.58 -6.63
C PHE A 208 -7.93 -4.42 -5.87
N VAL A 209 -9.16 -3.98 -6.09
CA VAL A 209 -10.34 -4.62 -5.54
C VAL A 209 -11.23 -4.93 -6.72
N SER A 210 -12.35 -5.59 -6.43
CA SER A 210 -13.31 -5.91 -7.45
C SER A 210 -14.03 -4.63 -7.87
N ARG A 211 -14.57 -4.76 -9.08
CA ARG A 211 -15.35 -3.73 -9.75
C ARG A 211 -16.70 -3.69 -9.09
N LEU A 212 -17.25 -4.76 -8.49
CA LEU A 212 -18.55 -4.66 -7.84
C LEU A 212 -18.48 -4.04 -6.46
N GLY A 213 -17.32 -3.61 -5.95
CA GLY A 213 -17.20 -2.98 -4.64
C GLY A 213 -16.00 -3.52 -3.88
N CYS A 214 -15.61 -2.77 -2.82
CA CYS A 214 -14.47 -3.14 -1.98
C CYS A 214 -14.49 -4.47 -1.22
N ASN A 215 -15.38 -4.67 -0.22
CA ASN A 215 -15.57 -5.89 0.56
C ASN A 215 -16.56 -6.84 -0.09
N VAL A 216 -16.02 -7.68 -0.94
CA VAL A 216 -16.86 -8.62 -1.65
C VAL A 216 -16.37 -10.02 -1.29
N THR A 217 -17.36 -10.85 -0.93
CA THR A 217 -17.15 -12.25 -0.60
C THR A 217 -16.53 -12.96 -1.81
N ARG A 218 -15.35 -13.46 -1.49
CA ARG A 218 -14.44 -14.20 -2.37
C ARG A 218 -13.74 -13.38 -3.46
N LYS A 219 -13.62 -12.08 -3.24
CA LYS A 219 -12.79 -11.28 -4.12
C LYS A 219 -11.89 -10.59 -3.13
N PRO A 220 -10.88 -11.27 -2.56
CA PRO A 220 -9.98 -10.67 -1.60
C PRO A 220 -9.27 -9.47 -2.21
N THR A 221 -8.68 -8.59 -1.40
CA THR A 221 -7.96 -7.45 -1.94
C THR A 221 -6.72 -8.05 -2.60
N VAL A 222 -6.17 -7.41 -3.65
CA VAL A 222 -5.03 -7.93 -4.35
C VAL A 222 -3.98 -6.86 -4.22
N PHE A 223 -2.85 -7.43 -3.83
CA PHE A 223 -1.62 -6.73 -3.52
C PHE A 223 -0.46 -7.13 -4.42
N THR A 224 0.41 -6.20 -4.79
CA THR A 224 1.69 -6.55 -5.40
C THR A 224 2.59 -7.26 -4.37
N ARG A 225 3.06 -8.49 -4.69
CA ARG A 225 3.93 -9.28 -3.84
C ARG A 225 5.34 -8.70 -3.91
N VAL A 226 5.65 -7.92 -2.87
CA VAL A 226 6.90 -7.14 -2.73
C VAL A 226 8.16 -7.99 -2.88
N SER A 227 8.09 -9.21 -2.31
CA SER A 227 9.16 -10.20 -2.34
C SER A 227 9.43 -10.66 -3.77
N ALA A 228 8.51 -10.49 -4.74
CA ALA A 228 8.89 -10.76 -6.12
C ALA A 228 9.67 -9.60 -6.67
N TYR A 229 9.82 -8.45 -6.00
CA TYR A 229 10.50 -7.34 -6.60
C TYR A 229 11.68 -6.80 -5.84
N ILE A 230 12.25 -7.62 -4.97
CA ILE A 230 13.33 -7.13 -4.16
C ILE A 230 14.58 -6.73 -4.91
N SER A 231 14.93 -7.41 -6.00
CA SER A 231 16.16 -7.04 -6.73
C SER A 231 16.01 -5.76 -7.49
N TRP A 232 14.84 -5.48 -8.12
CA TRP A 232 14.56 -4.26 -8.89
C TRP A 232 14.54 -3.13 -7.89
N ILE A 233 13.95 -3.33 -6.69
CA ILE A 233 13.93 -2.26 -5.68
C ILE A 233 15.32 -1.78 -5.32
N ASN A 234 16.12 -2.83 -5.07
CA ASN A 234 17.50 -2.63 -4.67
C ASN A 234 18.32 -2.06 -5.77
N ASN A 235 18.09 -2.52 -6.99
CA ASN A 235 18.81 -2.01 -8.15
C ASN A 235 18.39 -0.59 -8.50
N VAL A 236 17.19 -0.12 -8.15
CA VAL A 236 16.85 1.29 -8.38
C VAL A 236 17.52 2.17 -7.34
N ILE A 237 17.57 1.81 -6.06
CA ILE A 237 18.17 2.69 -5.03
C ILE A 237 19.68 2.90 -5.22
N ALA A 238 20.36 1.83 -5.71
CA ALA A 238 21.76 1.84 -6.06
C ALA A 238 22.01 2.69 -7.32
N SER A 239 21.00 2.87 -8.20
CA SER A 239 21.18 3.70 -9.39
C SER A 239 21.13 5.20 -9.05
N ASN A 240 20.06 5.55 -8.32
CA ASN A 240 19.72 6.94 -8.04
C ASN A 240 20.16 7.53 -6.69
C1 0QN B . -8.33 0.08 -5.35
C2 0QN B . -7.46 -0.42 -4.13
O 0QN B . -9.52 0.41 -5.22
F1 0QN B . -6.18 -0.78 -4.38
F2 0QN B . -7.35 0.50 -3.15
F3 0QN B . -8.05 -1.49 -3.57
N 0QN B . -7.74 0.04 -6.56
CA 0QN B . -8.36 0.52 -7.77
C 0QN B . -9.47 -0.48 -8.12
O1 0QN B . -9.32 -1.68 -7.92
CB 0QN B . -7.15 0.68 -8.77
CG1 0QN B . -6.75 -0.62 -9.42
CG2 0QN B . -7.50 1.73 -9.80
N1 0QN B . -10.66 0.05 -8.46
CA1 0QN B . -11.77 -0.82 -8.86
C3 0QN B . -11.42 -1.34 -10.25
O2 0QN B . -11.30 -0.58 -11.22
CB1 0QN B . -13.11 -0.06 -8.97
N2 0QN B . -11.17 -2.66 -10.12
C11 0QN B . -10.74 -3.44 -11.15
C21 0QN B . -10.43 -4.76 -10.85
C31 0QN B . -9.94 -5.59 -11.82
C4 0QN B . -9.75 -5.13 -13.12
C5 0QN B . -10.08 -3.81 -13.42
C6 0QN B . -10.57 -2.98 -12.45
C7 0QN B . -9.11 -6.07 -14.21
F11 0QN B . -8.85 -5.56 -15.47
F21 0QN B . -7.95 -6.52 -13.75
F31 0QN B . -9.87 -7.17 -14.39
CA CA C . -2.63 15.76 10.25
S SO4 D . 9.89 -15.05 -6.89
O1 SO4 D . 9.29 -16.08 -6.08
O2 SO4 D . 10.36 -13.97 -6.07
O3 SO4 D . 8.92 -14.60 -7.85
O4 SO4 D . 11.03 -15.57 -7.58
#